data_10GS
#
_entry.id   10GS
#
_cell.length_a   79.723
_cell.length_b   90.460
_cell.length_c   69.404
_cell.angle_alpha   90.00
_cell.angle_beta   98.19
_cell.angle_gamma   90.00
#
_symmetry.space_group_name_H-M   'C 1 2 1'
#
loop_
_entity.id
_entity.type
_entity.pdbx_description
1 polymer 'GLUTATHIONE S-TRANSFERASE P1-1'
2 non-polymer L-gamma-glutamyl-S-benzyl-N-[(S)-carboxy(phenyl)methyl]-L-cysteinamide
3 non-polymer '2-(N-MORPHOLINO)-ETHANESULFONIC ACID'
4 water water
#
_entity_poly.entity_id   1
_entity_poly.type   'polypeptide(L)'
_entity_poly.pdbx_seq_one_letter_code
;PPYTVVYFPVRGRCAALRMLLADQGQSWKEEVVTVETWQEGSLKASCLYGQLPKFQDGDLTLYQSNTILRHLGRTLGLYG
KDQQEAALVDMVNDGVEDLRCKYISLIYTNYEAGKDDYVKALPGQLKPFETLLSQNQGGKTFIVGDQISFADYNLLDLLL
IHEVLAPGCLDAFPLLSAYVGRLSARPKLKAFLASPEYVNLPINGNGKQ
;
_entity_poly.pdbx_strand_id   A,B
#
loop_
_chem_comp.id
_chem_comp.type
_chem_comp.name
_chem_comp.formula
MES non-polymer '2-(N-MORPHOLINO)-ETHANESULFONIC ACID' 'C6 H13 N O4 S'
VWW peptide-like L-gamma-glutamyl-S-benzyl-N-[(S)-carboxy(phenyl)methyl]-L-cysteinamide 'C23 H27 N3 O6 S'
#
# COMPACT_ATOMS: atom_id res chain seq x y z
N PRO A 2 20.16 2.52 16.61
CA PRO A 2 19.72 3.50 15.59
C PRO A 2 18.97 2.74 14.50
N TYR A 3 19.29 3.00 13.23
CA TYR A 3 18.63 2.36 12.11
C TYR A 3 19.54 1.40 11.36
N THR A 4 18.94 0.35 10.81
CA THR A 4 19.65 -0.64 10.03
C THR A 4 18.74 -1.08 8.89
N VAL A 5 19.20 -0.95 7.65
CA VAL A 5 18.41 -1.41 6.53
C VAL A 5 19.12 -2.61 5.91
N VAL A 6 18.41 -3.72 5.84
CA VAL A 6 18.93 -4.95 5.25
C VAL A 6 18.31 -5.05 3.87
N TYR A 7 19.15 -5.04 2.84
CA TYR A 7 18.64 -5.09 1.48
C TYR A 7 19.70 -5.54 0.48
N PHE A 8 19.27 -5.81 -0.75
CA PHE A 8 20.16 -6.22 -1.83
C PHE A 8 20.96 -4.99 -2.27
N PRO A 9 22.08 -5.20 -2.99
CA PRO A 9 22.89 -4.05 -3.44
C PRO A 9 22.28 -3.28 -4.62
N VAL A 10 21.06 -2.79 -4.46
CA VAL A 10 20.36 -2.02 -5.49
C VAL A 10 19.58 -0.91 -4.80
N ARG A 11 19.13 0.08 -5.57
CA ARG A 11 18.34 1.17 -5.00
C ARG A 11 16.95 0.66 -4.70
N GLY A 12 16.31 0.11 -5.74
CA GLY A 12 14.98 -0.47 -5.62
C GLY A 12 14.00 0.18 -4.67
N ARG A 13 13.46 -0.62 -3.77
CA ARG A 13 12.50 -0.14 -2.78
C ARG A 13 13.07 0.56 -1.55
N CYS A 14 14.37 0.81 -1.54
CA CYS A 14 15.00 1.49 -0.41
C CYS A 14 15.47 2.89 -0.75
N ALA A 15 15.44 3.22 -2.04
CA ALA A 15 15.88 4.52 -2.52
C ALA A 15 15.19 5.68 -1.79
N ALA A 16 13.87 5.63 -1.73
CA ALA A 16 13.09 6.68 -1.08
C ALA A 16 13.39 6.81 0.42
N LEU A 17 13.42 5.67 1.12
CA LEU A 17 13.69 5.70 2.56
C LEU A 17 15.13 6.16 2.86
N ARG A 18 16.05 5.88 1.94
CA ARG A 18 17.44 6.32 2.11
C ARG A 18 17.52 7.83 1.92
N MET A 19 16.82 8.35 0.91
CA MET A 19 16.81 9.79 0.64
C MET A 19 16.20 10.52 1.83
N LEU A 20 15.17 9.91 2.42
CA LEU A 20 14.49 10.49 3.58
C LEU A 20 15.46 10.61 4.76
N LEU A 21 16.13 9.50 5.07
CA LEU A 21 17.09 9.47 6.18
C LEU A 21 18.23 10.46 5.96
N ALA A 22 18.78 10.46 4.74
CA ALA A 22 19.88 11.35 4.39
C ALA A 22 19.46 12.82 4.54
N ASP A 23 18.34 13.18 3.92
CA ASP A 23 17.84 14.54 3.96
C ASP A 23 17.47 15.03 5.37
N GLN A 24 17.06 14.10 6.23
CA GLN A 24 16.69 14.45 7.59
C GLN A 24 17.88 14.44 8.54
N GLY A 25 19.06 14.22 7.99
CA GLY A 25 20.28 14.20 8.78
C GLY A 25 20.39 13.00 9.70
N GLN A 26 19.84 11.87 9.30
CA GLN A 26 19.88 10.65 10.10
C GLN A 26 21.00 9.72 9.66
N SER A 27 21.53 8.98 10.63
CA SER A 27 22.60 8.02 10.37
C SER A 27 21.99 6.63 10.37
N TRP A 28 22.48 5.76 9.50
CA TRP A 28 21.97 4.39 9.46
C TRP A 28 23.04 3.42 8.98
N LYS A 29 22.84 2.15 9.31
CA LYS A 29 23.76 1.10 8.93
C LYS A 29 23.17 0.30 7.77
N GLU A 30 23.99 -0.01 6.79
CA GLU A 30 23.56 -0.79 5.64
C GLU A 30 24.08 -2.21 5.76
N GLU A 31 23.16 -3.16 5.79
CA GLU A 31 23.51 -4.58 5.87
C GLU A 31 23.22 -5.11 4.49
N VAL A 32 24.26 -5.24 3.67
CA VAL A 32 24.10 -5.72 2.32
C VAL A 32 23.97 -7.23 2.23
N VAL A 33 22.94 -7.68 1.53
CA VAL A 33 22.68 -9.09 1.33
C VAL A 33 22.85 -9.35 -0.17
N THR A 34 23.76 -10.26 -0.50
CA THR A 34 24.02 -10.60 -1.89
C THR A 34 23.03 -11.68 -2.35
N VAL A 35 22.93 -11.85 -3.66
CA VAL A 35 22.03 -12.86 -4.24
C VAL A 35 22.45 -14.27 -3.80
N GLU A 36 23.73 -14.45 -3.53
CA GLU A 36 24.28 -15.73 -3.09
C GLU A 36 23.77 -16.05 -1.69
N THR A 37 24.01 -15.12 -0.77
CA THR A 37 23.59 -15.26 0.62
C THR A 37 22.08 -15.52 0.72
N TRP A 38 21.31 -14.81 -0.11
CA TRP A 38 19.85 -14.94 -0.15
C TRP A 38 19.40 -16.32 -0.59
N GLN A 39 20.04 -16.85 -1.65
CA GLN A 39 19.69 -18.17 -2.16
C GLN A 39 20.08 -19.32 -1.23
N GLU A 40 20.87 -19.01 -0.20
CA GLU A 40 21.26 -20.00 0.79
C GLU A 40 20.00 -20.44 1.55
N GLY A 41 19.03 -19.53 1.65
CA GLY A 41 17.76 -19.85 2.31
C GLY A 41 17.46 -19.42 3.74
N SER A 42 18.45 -19.44 4.62
CA SER A 42 18.24 -19.10 6.03
C SER A 42 17.61 -17.73 6.32
N LEU A 43 18.14 -16.66 5.71
CA LEU A 43 17.62 -15.31 5.94
C LEU A 43 16.19 -15.17 5.43
N LYS A 44 15.94 -15.64 4.20
CA LYS A 44 14.61 -15.57 3.59
C LYS A 44 13.56 -16.21 4.50
N ALA A 45 13.92 -17.35 5.08
CA ALA A 45 13.05 -18.10 5.96
C ALA A 45 12.69 -17.33 7.23
N SER A 46 13.60 -16.49 7.70
CA SER A 46 13.37 -15.71 8.92
C SER A 46 12.60 -14.41 8.65
N CYS A 47 12.45 -14.05 7.38
CA CYS A 47 11.72 -12.83 6.99
C CYS A 47 10.23 -13.12 7.00
N LEU A 48 9.45 -12.25 7.66
CA LEU A 48 8.00 -12.41 7.78
C LEU A 48 7.28 -12.81 6.48
N TYR A 49 7.54 -12.08 5.40
CA TYR A 49 6.90 -12.38 4.12
C TYR A 49 7.90 -12.98 3.13
N GLY A 50 9.06 -13.38 3.64
CA GLY A 50 10.11 -13.97 2.82
C GLY A 50 10.76 -13.00 1.85
N GLN A 51 10.73 -11.71 2.17
CA GLN A 51 11.31 -10.71 1.29
C GLN A 51 12.01 -9.56 2.04
N LEU A 52 12.80 -8.81 1.29
CA LEU A 52 13.51 -7.64 1.81
C LEU A 52 12.89 -6.43 1.10
N PRO A 53 13.10 -5.20 1.62
CA PRO A 53 13.87 -4.81 2.80
C PRO A 53 13.36 -5.23 4.17
N LYS A 54 14.30 -5.25 5.11
CA LYS A 54 14.06 -5.56 6.50
C LYS A 54 14.64 -4.29 7.14
N PHE A 55 14.00 -3.78 8.15
CA PHE A 55 14.46 -2.55 8.79
C PHE A 55 14.46 -2.70 10.30
N GLN A 56 15.39 -2.02 10.95
CA GLN A 56 15.48 -2.06 12.40
C GLN A 56 15.64 -0.68 12.99
N ASP A 57 14.81 -0.41 13.97
CA ASP A 57 14.82 0.85 14.69
C ASP A 57 14.91 0.36 16.13
N GLY A 58 16.12 0.29 16.67
CA GLY A 58 16.30 -0.22 18.01
C GLY A 58 15.99 -1.70 17.91
N ASP A 59 15.10 -2.20 18.77
CA ASP A 59 14.74 -3.61 18.71
C ASP A 59 13.46 -3.86 17.90
N LEU A 60 12.94 -2.80 17.28
CA LEU A 60 11.73 -2.91 16.44
C LEU A 60 12.18 -3.34 15.06
N THR A 61 11.70 -4.51 14.62
CA THR A 61 12.04 -5.04 13.31
C THR A 61 10.81 -4.89 12.42
N LEU A 62 11.01 -4.26 11.27
CA LEU A 62 9.93 -4.01 10.31
C LEU A 62 10.21 -4.57 8.92
N TYR A 63 9.14 -4.84 8.20
CA TYR A 63 9.20 -5.33 6.83
C TYR A 63 8.23 -4.45 6.04
N GLN A 64 8.26 -4.54 4.71
CA GLN A 64 7.40 -3.74 3.84
C GLN A 64 7.93 -2.30 3.75
N SER A 65 8.42 -1.94 2.56
CA SER A 65 9.00 -0.62 2.32
C SER A 65 8.11 0.55 2.75
N ASN A 66 6.82 0.48 2.41
CA ASN A 66 5.89 1.54 2.78
C ASN A 66 5.60 1.63 4.27
N THR A 67 5.68 0.50 4.97
CA THR A 67 5.47 0.49 6.42
C THR A 67 6.67 1.25 7.02
N ILE A 68 7.85 0.99 6.46
CA ILE A 68 9.08 1.65 6.90
C ILE A 68 8.94 3.16 6.67
N LEU A 69 8.47 3.54 5.49
CA LEU A 69 8.27 4.95 5.16
C LEU A 69 7.29 5.62 6.13
N ARG A 70 6.16 4.95 6.38
CA ARG A 70 5.16 5.49 7.29
C ARG A 70 5.65 5.58 8.72
N HIS A 71 6.47 4.61 9.12
CA HIS A 71 7.04 4.60 10.46
C HIS A 71 7.96 5.80 10.66
N LEU A 72 8.85 6.02 9.70
CA LEU A 72 9.77 7.15 9.73
C LEU A 72 9.02 8.47 9.64
N GLY A 73 7.98 8.51 8.82
CA GLY A 73 7.18 9.73 8.68
C GLY A 73 6.48 10.07 9.97
N ARG A 74 6.06 9.05 10.69
CA ARG A 74 5.37 9.23 11.96
C ARG A 74 6.31 9.66 13.08
N THR A 75 7.46 8.99 13.20
CA THR A 75 8.43 9.30 14.25
C THR A 75 9.24 10.57 14.01
N LEU A 76 9.50 10.88 12.74
CA LEU A 76 10.27 12.07 12.38
C LEU A 76 9.43 13.31 12.07
N GLY A 77 8.12 13.17 12.08
CA GLY A 77 7.23 14.30 11.81
C GLY A 77 7.10 14.70 10.35
N LEU A 78 7.04 13.70 9.45
CA LEU A 78 6.89 13.93 8.03
C LEU A 78 5.58 13.29 7.56
N TYR A 79 4.50 13.55 8.30
CA TYR A 79 3.20 12.96 8.00
C TYR A 79 2.05 13.98 8.02
N GLY A 80 2.32 15.21 7.57
CA GLY A 80 1.30 16.25 7.55
C GLY A 80 1.17 16.96 8.89
N LYS A 81 0.50 18.10 8.91
CA LYS A 81 0.32 18.87 10.14
C LYS A 81 -0.89 18.39 10.94
N ASP A 82 -1.80 17.69 10.28
CA ASP A 82 -3.00 17.17 10.95
C ASP A 82 -3.54 15.92 10.26
N GLN A 83 -4.67 15.40 10.75
CA GLN A 83 -5.26 14.19 10.17
C GLN A 83 -5.67 14.33 8.72
N GLN A 84 -6.20 15.50 8.36
CA GLN A 84 -6.62 15.73 6.98
C GLN A 84 -5.43 15.59 6.04
N GLU A 85 -4.31 16.25 6.40
CA GLU A 85 -3.09 16.18 5.60
C GLU A 85 -2.54 14.77 5.60
N ALA A 86 -2.63 14.09 6.74
CA ALA A 86 -2.14 12.71 6.87
C ALA A 86 -2.87 11.81 5.87
N ALA A 87 -4.17 12.04 5.71
CA ALA A 87 -4.97 11.27 4.77
C ALA A 87 -4.53 11.55 3.33
N LEU A 88 -4.23 12.81 3.04
CA LEU A 88 -3.79 13.22 1.70
C LEU A 88 -2.41 12.63 1.37
N VAL A 89 -1.53 12.60 2.36
CA VAL A 89 -0.18 12.05 2.21
C VAL A 89 -0.28 10.57 1.83
N ASP A 90 -1.18 9.85 2.50
CA ASP A 90 -1.41 8.43 2.24
C ASP A 90 -1.94 8.24 0.83
N MET A 91 -2.88 9.10 0.43
CA MET A 91 -3.48 9.02 -0.90
C MET A 91 -2.41 9.20 -1.98
N VAL A 92 -1.47 10.11 -1.73
CA VAL A 92 -0.38 10.35 -2.67
C VAL A 92 0.53 9.12 -2.71
N ASN A 93 0.93 8.63 -1.54
CA ASN A 93 1.80 7.46 -1.46
C ASN A 93 1.20 6.22 -2.11
N ASP A 94 -0.09 5.99 -1.88
CA ASP A 94 -0.77 4.84 -2.47
C ASP A 94 -0.76 4.97 -3.99
N GLY A 95 -0.87 6.21 -4.47
CA GLY A 95 -0.83 6.46 -5.89
C GLY A 95 0.55 6.14 -6.41
N VAL A 96 1.58 6.59 -5.70
CA VAL A 96 2.97 6.31 -6.09
C VAL A 96 3.20 4.80 -6.13
N GLU A 97 2.73 4.10 -5.10
CA GLU A 97 2.87 2.65 -5.00
C GLU A 97 2.24 1.91 -6.18
N ASP A 98 1.06 2.36 -6.61
CA ASP A 98 0.38 1.75 -7.74
C ASP A 98 1.21 1.86 -9.02
N LEU A 99 1.74 3.05 -9.28
CA LEU A 99 2.56 3.24 -10.47
C LEU A 99 3.90 2.50 -10.34
N ARG A 100 4.41 2.41 -9.13
CA ARG A 100 5.66 1.70 -8.88
C ARG A 100 5.50 0.21 -9.23
N CYS A 101 4.36 -0.38 -8.89
CA CYS A 101 4.10 -1.79 -9.20
C CYS A 101 4.08 -2.02 -10.70
N LYS A 102 3.51 -1.08 -11.43
CA LYS A 102 3.45 -1.19 -12.89
C LYS A 102 4.87 -1.11 -13.45
N TYR A 103 5.67 -0.20 -12.87
CA TYR A 103 7.06 -0.02 -13.28
C TYR A 103 7.84 -1.31 -13.03
N ILE A 104 7.68 -1.86 -11.82
CA ILE A 104 8.35 -3.10 -11.44
C ILE A 104 7.94 -4.25 -12.35
N SER A 105 6.65 -4.31 -12.67
CA SER A 105 6.14 -5.36 -13.54
C SER A 105 6.81 -5.26 -14.92
N LEU A 106 6.99 -4.05 -15.41
CA LEU A 106 7.63 -3.83 -16.71
C LEU A 106 9.10 -4.30 -16.68
N ILE A 107 9.84 -3.78 -15.71
CA ILE A 107 11.26 -4.10 -15.54
C ILE A 107 11.57 -5.59 -15.41
N TYR A 108 10.83 -6.28 -14.55
CA TYR A 108 11.05 -7.70 -14.30
C TYR A 108 10.27 -8.70 -15.16
N THR A 109 9.14 -8.28 -15.73
CA THR A 109 8.31 -9.19 -16.52
C THR A 109 8.46 -9.10 -18.04
N ASN A 110 8.42 -7.89 -18.61
CA ASN A 110 8.55 -7.76 -20.06
C ASN A 110 9.04 -6.38 -20.50
N TYR A 111 10.30 -6.10 -20.17
CA TYR A 111 10.92 -4.84 -20.51
C TYR A 111 10.99 -4.59 -22.02
N GLU A 112 11.60 -5.53 -22.74
CA GLU A 112 11.77 -5.44 -24.19
C GLU A 112 10.46 -5.23 -24.92
N ALA A 113 9.52 -6.13 -24.68
CA ALA A 113 8.22 -6.08 -25.33
C ALA A 113 7.33 -4.91 -24.92
N GLY A 114 7.13 -4.73 -23.61
CA GLY A 114 6.26 -3.67 -23.13
C GLY A 114 6.75 -2.25 -22.94
N LYS A 115 8.04 -1.99 -23.16
CA LYS A 115 8.58 -0.65 -22.97
C LYS A 115 7.89 0.48 -23.74
N ASP A 116 7.51 0.21 -24.99
CA ASP A 116 6.86 1.22 -25.82
C ASP A 116 5.45 1.60 -25.35
N ASP A 117 4.62 0.61 -25.09
CA ASP A 117 3.25 0.87 -24.63
C ASP A 117 3.25 1.59 -23.30
N TYR A 118 4.15 1.18 -22.41
CA TYR A 118 4.28 1.77 -21.08
C TYR A 118 4.61 3.26 -21.17
N VAL A 119 5.56 3.62 -22.03
CA VAL A 119 5.96 5.01 -22.19
C VAL A 119 4.83 5.85 -22.79
N LYS A 120 4.02 5.25 -23.67
CA LYS A 120 2.89 5.95 -24.29
C LYS A 120 1.82 6.27 -23.25
N ALA A 121 1.61 5.34 -22.32
CA ALA A 121 0.62 5.49 -21.27
C ALA A 121 1.09 6.35 -20.10
N LEU A 122 2.40 6.59 -20.03
CA LEU A 122 2.98 7.38 -18.95
C LEU A 122 2.32 8.73 -18.62
N PRO A 123 2.05 9.58 -19.64
CA PRO A 123 1.42 10.87 -19.39
C PRO A 123 0.15 10.78 -18.56
N GLY A 124 -0.68 9.79 -18.86
CA GLY A 124 -1.92 9.61 -18.14
C GLY A 124 -1.65 9.22 -16.69
N GLN A 125 -0.58 8.48 -16.47
CA GLN A 125 -0.18 8.05 -15.13
C GLN A 125 0.42 9.17 -14.30
N LEU A 126 1.08 10.11 -14.96
CA LEU A 126 1.72 11.23 -14.27
C LEU A 126 0.80 12.42 -13.99
N LYS A 127 -0.23 12.60 -14.82
CA LYS A 127 -1.17 13.72 -14.65
C LYS A 127 -1.72 13.91 -13.24
N PRO A 128 -2.14 12.83 -12.56
CA PRO A 128 -2.68 12.96 -11.20
C PRO A 128 -1.77 13.73 -10.24
N PHE A 129 -0.45 13.54 -10.36
CA PHE A 129 0.50 14.22 -9.47
C PHE A 129 0.69 15.69 -9.83
N GLU A 130 0.58 16.00 -11.13
CA GLU A 130 0.68 17.38 -11.62
C GLU A 130 -0.54 18.13 -11.07
N THR A 131 -1.68 17.44 -11.06
CA THR A 131 -2.94 17.98 -10.56
C THR A 131 -2.87 18.27 -9.07
N LEU A 132 -2.37 17.29 -8.30
CA LEU A 132 -2.23 17.46 -6.86
C LEU A 132 -1.37 18.68 -6.57
N LEU A 133 -0.28 18.80 -7.31
CA LEU A 133 0.65 19.92 -7.17
C LEU A 133 -0.04 21.25 -7.48
N SER A 134 -0.80 21.29 -8.58
CA SER A 134 -1.51 22.52 -8.96
C SER A 134 -2.54 22.99 -7.95
N GLN A 135 -3.07 22.07 -7.14
CA GLN A 135 -4.06 22.41 -6.13
C GLN A 135 -3.45 22.80 -4.79
N ASN A 136 -2.14 22.67 -4.67
CA ASN A 136 -1.45 23.01 -3.43
C ASN A 136 -0.51 24.20 -3.65
N GLN A 137 -0.98 25.40 -3.33
CA GLN A 137 -0.20 26.64 -3.48
C GLN A 137 0.46 26.76 -4.85
N GLY A 138 -0.25 26.34 -5.89
CA GLY A 138 0.28 26.43 -7.24
C GLY A 138 1.54 25.61 -7.52
N GLY A 139 1.75 24.55 -6.74
CA GLY A 139 2.93 23.71 -6.93
C GLY A 139 4.24 24.37 -6.52
N LYS A 140 4.16 25.37 -5.66
CA LYS A 140 5.34 26.10 -5.21
C LYS A 140 6.08 25.42 -4.06
N THR A 141 5.39 24.57 -3.31
CA THR A 141 5.98 23.87 -2.17
C THR A 141 6.13 22.34 -2.32
N PHE A 142 5.42 21.59 -1.49
CA PHE A 142 5.49 20.14 -1.52
C PHE A 142 4.20 19.49 -2.06
N ILE A 143 4.18 18.17 -2.17
CA ILE A 143 3.02 17.50 -2.72
C ILE A 143 1.75 17.68 -1.87
N VAL A 144 1.92 17.77 -0.55
CA VAL A 144 0.82 17.97 0.38
C VAL A 144 1.25 18.94 1.47
N GLY A 145 0.50 20.03 1.63
CA GLY A 145 0.82 21.02 2.65
C GLY A 145 2.03 21.88 2.34
N ASP A 146 2.60 22.50 3.37
CA ASP A 146 3.76 23.37 3.20
C ASP A 146 5.02 22.84 3.89
N GLN A 147 5.00 21.56 4.23
CA GLN A 147 6.14 20.89 4.88
C GLN A 147 6.32 19.56 4.16
N ILE A 148 7.58 19.13 4.02
CA ILE A 148 7.89 17.87 3.34
C ILE A 148 7.35 16.65 4.11
N SER A 149 6.93 15.62 3.36
CA SER A 149 6.41 14.40 3.97
C SER A 149 7.12 13.21 3.33
N PHE A 150 6.87 12.02 3.86
CA PHE A 150 7.50 10.81 3.33
C PHE A 150 7.05 10.54 1.90
N ALA A 151 5.85 11.01 1.56
CA ALA A 151 5.30 10.83 0.22
C ALA A 151 6.13 11.59 -0.81
N ASP A 152 6.71 12.72 -0.38
CA ASP A 152 7.55 13.52 -1.25
C ASP A 152 8.77 12.74 -1.71
N TYR A 153 9.45 12.10 -0.77
CA TYR A 153 10.65 11.31 -1.09
C TYR A 153 10.31 10.15 -2.01
N ASN A 154 9.17 9.50 -1.77
CA ASN A 154 8.75 8.38 -2.58
C ASN A 154 8.36 8.83 -3.99
N LEU A 155 7.67 9.96 -4.09
CA LEU A 155 7.25 10.49 -5.38
C LEU A 155 8.48 10.91 -6.16
N LEU A 156 9.41 11.59 -5.47
CA LEU A 156 10.66 12.05 -6.09
C LEU A 156 11.39 10.87 -6.71
N ASP A 157 11.55 9.78 -5.94
CA ASP A 157 12.22 8.61 -6.44
C ASP A 157 11.51 8.07 -7.68
N LEU A 158 10.18 7.97 -7.61
CA LEU A 158 9.40 7.48 -8.73
C LEU A 158 9.65 8.34 -9.98
N LEU A 159 9.68 9.65 -9.81
CA LEU A 159 9.92 10.57 -10.94
C LEU A 159 11.32 10.40 -11.53
N LEU A 160 12.33 10.33 -10.65
CA LEU A 160 13.72 10.16 -11.08
C LEU A 160 13.96 8.89 -11.89
N ILE A 161 13.41 7.77 -11.44
CA ILE A 161 13.61 6.51 -12.17
C ILE A 161 12.88 6.50 -13.51
N HIS A 162 11.85 7.33 -13.64
CA HIS A 162 11.11 7.41 -14.89
C HIS A 162 11.84 8.31 -15.87
N GLU A 163 12.61 9.26 -15.34
CA GLU A 163 13.42 10.15 -16.17
C GLU A 163 14.47 9.27 -16.85
N VAL A 164 14.93 8.27 -16.13
CA VAL A 164 15.93 7.34 -16.65
C VAL A 164 15.29 6.40 -17.67
N LEU A 165 14.07 5.95 -17.38
CA LEU A 165 13.35 5.04 -18.28
C LEU A 165 12.93 5.73 -19.57
N ALA A 166 12.26 6.87 -19.44
CA ALA A 166 11.78 7.65 -20.58
C ALA A 166 12.28 9.08 -20.43
N PRO A 167 13.51 9.35 -20.89
CA PRO A 167 14.11 10.70 -20.80
C PRO A 167 13.20 11.77 -21.38
N GLY A 168 12.97 12.82 -20.59
CA GLY A 168 12.13 13.91 -21.04
C GLY A 168 10.64 13.70 -20.82
N CYS A 169 10.26 12.60 -20.17
CA CYS A 169 8.83 12.34 -19.91
C CYS A 169 8.18 13.42 -19.06
N LEU A 170 8.99 14.17 -18.30
CA LEU A 170 8.49 15.26 -17.45
C LEU A 170 8.40 16.62 -18.14
N ASP A 171 8.81 16.68 -19.41
CA ASP A 171 8.77 17.94 -20.16
C ASP A 171 7.37 18.53 -20.25
N ALA A 172 6.39 17.66 -20.44
CA ALA A 172 4.99 18.06 -20.55
C ALA A 172 4.35 18.47 -19.22
N PHE A 173 5.09 18.32 -18.13
CA PHE A 173 4.57 18.66 -16.80
C PHE A 173 5.45 19.68 -16.07
N PRO A 174 5.19 20.98 -16.31
CA PRO A 174 5.93 22.08 -15.69
C PRO A 174 6.05 22.07 -14.18
N LEU A 175 4.98 21.70 -13.48
CA LEU A 175 5.00 21.65 -12.02
C LEU A 175 5.83 20.49 -11.48
N LEU A 176 5.72 19.32 -12.10
CA LEU A 176 6.49 18.17 -11.66
C LEU A 176 7.97 18.42 -11.90
N SER A 177 8.30 19.02 -13.05
CA SER A 177 9.70 19.33 -13.39
C SER A 177 10.32 20.30 -12.37
N ALA A 178 9.58 21.36 -12.04
CA ALA A 178 10.08 22.33 -11.07
C ALA A 178 10.20 21.67 -9.70
N TYR A 179 9.22 20.81 -9.39
CA TYR A 179 9.18 20.07 -8.13
C TYR A 179 10.43 19.23 -7.97
N VAL A 180 10.77 18.48 -9.01
CA VAL A 180 11.95 17.62 -9.02
C VAL A 180 13.23 18.45 -8.85
N GLY A 181 13.35 19.54 -9.60
CA GLY A 181 14.53 20.38 -9.49
C GLY A 181 14.67 21.00 -8.11
N ARG A 182 13.54 21.44 -7.56
CA ARG A 182 13.49 22.07 -6.25
C ARG A 182 13.91 21.12 -5.13
N LEU A 183 13.34 19.91 -5.12
CA LEU A 183 13.67 18.93 -4.09
C LEU A 183 15.10 18.42 -4.22
N SER A 184 15.54 18.20 -5.46
CA SER A 184 16.90 17.73 -5.74
C SER A 184 17.95 18.74 -5.31
N ALA A 185 17.51 19.98 -5.08
CA ALA A 185 18.41 21.06 -4.67
C ALA A 185 18.61 21.18 -3.15
N ARG A 186 17.81 20.46 -2.38
CA ARG A 186 17.93 20.50 -0.93
C ARG A 186 19.35 20.03 -0.58
N PRO A 187 20.09 20.82 0.22
CA PRO A 187 21.46 20.57 0.66
C PRO A 187 21.89 19.11 0.92
N LYS A 188 21.33 18.50 1.96
CA LYS A 188 21.65 17.12 2.32
C LYS A 188 21.25 16.09 1.26
N LEU A 189 20.12 16.33 0.59
CA LEU A 189 19.64 15.42 -0.45
C LEU A 189 20.53 15.49 -1.69
N LYS A 190 20.95 16.69 -2.05
CA LYS A 190 21.81 16.91 -3.21
C LYS A 190 23.13 16.18 -3.03
N ALA A 191 23.71 16.31 -1.83
CA ALA A 191 24.97 15.68 -1.48
C ALA A 191 24.82 14.16 -1.57
N PHE A 192 23.73 13.63 -1.03
CA PHE A 192 23.46 12.19 -1.05
C PHE A 192 23.27 11.64 -2.46
N LEU A 193 22.49 12.35 -3.28
CA LEU A 193 22.23 11.91 -4.65
C LEU A 193 23.49 11.89 -5.52
N ALA A 194 24.50 12.65 -5.12
CA ALA A 194 25.75 12.72 -5.88
C ALA A 194 26.81 11.74 -5.38
N SER A 195 26.60 11.18 -4.19
CA SER A 195 27.56 10.25 -3.57
C SER A 195 27.64 8.88 -4.25
N PRO A 196 28.77 8.17 -4.07
CA PRO A 196 28.99 6.83 -4.65
C PRO A 196 27.98 5.83 -4.09
N GLU A 197 27.62 6.08 -2.83
CA GLU A 197 26.67 5.26 -2.08
C GLU A 197 25.36 5.10 -2.85
N TYR A 198 24.93 6.18 -3.50
CA TYR A 198 23.70 6.20 -4.29
C TYR A 198 24.00 5.92 -5.77
N VAL A 199 24.86 6.74 -6.35
CA VAL A 199 25.23 6.65 -7.76
C VAL A 199 25.74 5.30 -8.26
N ASN A 200 26.58 4.63 -7.47
CA ASN A 200 27.16 3.36 -7.90
C ASN A 200 26.31 2.11 -7.68
N LEU A 201 25.06 2.30 -7.27
CA LEU A 201 24.14 1.21 -7.05
C LEU A 201 23.19 1.15 -8.24
N PRO A 202 22.95 -0.05 -8.80
CA PRO A 202 22.03 -0.14 -9.94
C PRO A 202 20.60 0.12 -9.44
N ILE A 203 19.74 0.64 -10.30
CA ILE A 203 18.36 0.93 -9.90
C ILE A 203 17.60 -0.35 -9.55
N ASN A 204 17.67 -1.33 -10.47
CA ASN A 204 16.99 -2.60 -10.29
C ASN A 204 17.94 -3.79 -10.24
N GLY A 205 17.42 -4.91 -9.72
CA GLY A 205 18.22 -6.12 -9.59
C GLY A 205 18.55 -6.88 -10.86
N ASN A 206 17.95 -6.51 -11.99
CA ASN A 206 18.23 -7.21 -13.24
C ASN A 206 19.03 -6.38 -14.26
N GLY A 207 19.59 -5.26 -13.80
CA GLY A 207 20.37 -4.41 -14.68
C GLY A 207 19.60 -3.60 -15.70
N LYS A 208 18.28 -3.68 -15.65
CA LYS A 208 17.44 -2.92 -16.58
C LYS A 208 16.98 -1.63 -15.90
N GLN A 209 16.77 -0.59 -16.70
CA GLN A 209 16.34 0.71 -16.18
C GLN A 209 15.84 1.62 -17.31
N PRO B 2 -21.45 13.36 7.07
CA PRO B 2 -20.99 12.05 7.61
C PRO B 2 -20.11 11.37 6.55
N TYR B 3 -20.36 10.09 6.31
CA TYR B 3 -19.59 9.33 5.34
C TYR B 3 -20.39 8.94 4.10
N THR B 4 -19.70 8.87 2.97
CA THR B 4 -20.31 8.49 1.70
C THR B 4 -19.29 7.66 0.93
N VAL B 5 -19.68 6.44 0.55
CA VAL B 5 -18.78 5.61 -0.23
C VAL B 5 -19.38 5.46 -1.63
N VAL B 6 -18.60 5.85 -2.63
CA VAL B 6 -19.03 5.76 -4.03
C VAL B 6 -18.29 4.56 -4.59
N TYR B 7 -19.05 3.55 -5.04
CA TYR B 7 -18.45 2.34 -5.55
C TYR B 7 -19.41 1.54 -6.42
N PHE B 8 -18.87 0.51 -7.09
CA PHE B 8 -19.66 -0.36 -7.95
C PHE B 8 -20.48 -1.28 -7.04
N PRO B 9 -21.53 -1.92 -7.57
CA PRO B 9 -22.35 -2.82 -6.74
C PRO B 9 -21.70 -4.18 -6.44
N VAL B 10 -20.52 -4.14 -5.84
CA VAL B 10 -19.78 -5.34 -5.47
C VAL B 10 -19.11 -5.09 -4.12
N ARG B 11 -18.64 -6.15 -3.47
CA ARG B 11 -17.96 -6.01 -2.19
C ARG B 11 -16.57 -5.47 -2.46
N GLY B 12 -15.83 -6.19 -3.29
CA GLY B 12 -14.48 -5.80 -3.69
C GLY B 12 -13.62 -5.10 -2.65
N ARG B 13 -13.10 -3.94 -3.02
CA ARG B 13 -12.24 -3.16 -2.13
C ARG B 13 -12.93 -2.32 -1.07
N CYS B 14 -14.25 -2.47 -0.93
CA CYS B 14 -14.98 -1.72 0.08
C CYS B 14 -15.51 -2.59 1.21
N ALA B 15 -15.39 -3.91 1.03
CA ALA B 15 -15.86 -4.87 2.02
C ALA B 15 -15.28 -4.61 3.41
N ALA B 16 -13.96 -4.46 3.49
CA ALA B 16 -13.29 -4.21 4.77
C ALA B 16 -13.70 -2.89 5.42
N LEU B 17 -13.74 -1.81 4.63
CA LEU B 17 -14.11 -0.51 5.18
C LEU B 17 -15.59 -0.49 5.61
N ARG B 18 -16.42 -1.28 4.96
CA ARG B 18 -17.83 -1.36 5.31
C ARG B 18 -17.99 -2.11 6.64
N MET B 19 -17.24 -3.21 6.78
CA MET B 19 -17.26 -4.00 8.00
C MET B 19 -16.79 -3.15 9.17
N LEU B 20 -15.78 -2.32 8.92
CA LEU B 20 -15.22 -1.43 9.93
C LEU B 20 -16.26 -0.44 10.41
N LEU B 21 -16.92 0.24 9.47
CA LEU B 21 -17.95 1.22 9.78
C LEU B 21 -19.11 0.58 10.53
N ALA B 22 -19.58 -0.57 10.03
CA ALA B 22 -20.68 -1.29 10.65
C ALA B 22 -20.35 -1.69 12.08
N ASP B 23 -19.21 -2.34 12.26
CA ASP B 23 -18.78 -2.80 13.57
C ASP B 23 -18.53 -1.67 14.57
N GLN B 24 -18.14 -0.50 14.07
CA GLN B 24 -17.89 0.66 14.94
C GLN B 24 -19.15 1.48 15.20
N GLY B 25 -20.28 0.97 14.70
CA GLY B 25 -21.55 1.66 14.89
C GLY B 25 -21.67 2.96 14.14
N GLN B 26 -21.03 3.05 12.97
CA GLN B 26 -21.07 4.26 12.15
C GLN B 26 -22.11 4.15 11.04
N SER B 27 -22.68 5.29 10.67
CA SER B 27 -23.68 5.37 9.62
C SER B 27 -23.01 5.92 8.38
N TRP B 28 -23.39 5.43 7.21
CA TRP B 28 -22.82 5.93 5.97
C TRP B 28 -23.80 5.80 4.81
N LYS B 29 -23.56 6.59 3.78
CA LYS B 29 -24.40 6.61 2.59
C LYS B 29 -23.68 5.87 1.47
N GLU B 30 -24.42 5.04 0.75
CA GLU B 30 -23.86 4.29 -0.36
C GLU B 30 -24.32 4.92 -1.67
N GLU B 31 -23.36 5.36 -2.47
CA GLU B 31 -23.64 5.95 -3.77
C GLU B 31 -23.22 4.90 -4.78
N VAL B 32 -24.20 4.14 -5.27
CA VAL B 32 -23.91 3.08 -6.22
C VAL B 32 -23.71 3.58 -7.64
N VAL B 33 -22.60 3.14 -8.23
CA VAL B 33 -22.26 3.52 -9.59
C VAL B 33 -22.31 2.23 -10.41
N THR B 34 -23.14 2.22 -11.43
CA THR B 34 -23.29 1.05 -12.30
C THR B 34 -22.22 1.09 -13.38
N VAL B 35 -22.01 -0.05 -14.04
CA VAL B 35 -21.03 -0.16 -15.12
C VAL B 35 -21.40 0.77 -16.29
N GLU B 36 -22.70 1.02 -16.45
CA GLU B 36 -23.21 1.88 -17.51
C GLU B 36 -22.79 3.32 -17.23
N THR B 37 -23.14 3.81 -16.04
CA THR B 37 -22.82 5.17 -15.62
C THR B 37 -21.31 5.43 -15.72
N TRP B 38 -20.52 4.44 -15.32
CA TRP B 38 -19.06 4.53 -15.34
C TRP B 38 -18.51 4.66 -16.76
N GLN B 39 -19.04 3.87 -17.69
CA GLN B 39 -18.60 3.90 -19.08
C GLN B 39 -19.00 5.18 -19.81
N GLU B 40 -19.87 5.98 -19.20
CA GLU B 40 -20.29 7.24 -19.77
C GLU B 40 -19.08 8.19 -19.80
N GLY B 41 -18.16 7.98 -18.85
CA GLY B 41 -16.93 8.77 -18.81
C GLY B 41 -16.75 9.94 -17.86
N SER B 42 -17.81 10.72 -17.62
CA SER B 42 -17.72 11.90 -16.74
C SER B 42 -17.18 11.68 -15.32
N LEU B 43 -17.72 10.69 -14.61
CA LEU B 43 -17.28 10.40 -13.24
C LEU B 43 -15.81 9.96 -13.19
N LYS B 44 -15.46 9.01 -14.07
CA LYS B 44 -14.08 8.49 -14.14
C LYS B 44 -13.08 9.63 -14.31
N ALA B 45 -13.43 10.57 -15.18
CA ALA B 45 -12.58 11.72 -15.46
C ALA B 45 -12.36 12.62 -14.25
N SER B 46 -13.35 12.69 -13.36
CA SER B 46 -13.24 13.52 -12.16
C SER B 46 -12.53 12.82 -11.01
N CYS B 47 -12.29 11.52 -11.15
CA CYS B 47 -11.60 10.74 -10.12
C CYS B 47 -10.09 10.93 -10.28
N LEU B 48 -9.42 11.25 -9.17
CA LEU B 48 -7.98 11.49 -9.17
C LEU B 48 -7.14 10.49 -9.96
N TYR B 49 -7.34 9.19 -9.72
CA TYR B 49 -6.60 8.15 -10.44
C TYR B 49 -7.49 7.41 -11.43
N GLY B 50 -8.68 7.98 -11.69
CA GLY B 50 -9.62 7.39 -12.63
C GLY B 50 -10.24 6.09 -12.14
N GLN B 51 -10.31 5.91 -10.82
CA GLN B 51 -10.86 4.69 -10.26
C GLN B 51 -11.66 4.89 -8.99
N LEU B 52 -12.43 3.88 -8.62
CA LEU B 52 -13.24 3.88 -7.41
C LEU B 52 -12.62 2.80 -6.51
N PRO B 53 -12.93 2.80 -5.20
CA PRO B 53 -13.80 3.70 -4.44
C PRO B 53 -13.37 5.15 -4.28
N LYS B 54 -14.38 5.98 -4.02
CA LYS B 54 -14.24 7.39 -3.75
C LYS B 54 -14.93 7.47 -2.39
N PHE B 55 -14.38 8.25 -1.48
CA PHE B 55 -14.94 8.35 -0.14
C PHE B 55 -15.05 9.79 0.28
N GLN B 56 -16.07 10.09 1.09
CA GLN B 56 -16.26 11.43 1.59
C GLN B 56 -16.54 11.44 3.07
N ASP B 57 -15.79 12.29 3.77
CA ASP B 57 -15.92 12.48 5.20
C ASP B 57 -16.08 13.99 5.28
N GLY B 58 -17.33 14.45 5.31
CA GLY B 58 -17.58 15.88 5.35
C GLY B 58 -17.20 16.37 3.96
N ASP B 59 -16.34 17.38 3.89
CA ASP B 59 -15.91 17.88 2.59
C ASP B 59 -14.58 17.29 2.14
N LEU B 60 -14.05 16.35 2.93
CA LEU B 60 -12.79 15.69 2.61
C LEU B 60 -13.11 14.55 1.64
N THR B 61 -12.55 14.62 0.44
CA THR B 61 -12.75 13.60 -0.57
C THR B 61 -11.47 12.77 -0.68
N LEU B 62 -11.62 11.45 -0.53
CA LEU B 62 -10.49 10.53 -0.59
C LEU B 62 -10.63 9.45 -1.66
N TYR B 63 -9.49 8.94 -2.10
CA TYR B 63 -9.43 7.84 -3.07
C TYR B 63 -8.45 6.84 -2.47
N GLN B 64 -8.38 5.65 -3.06
CA GLN B 64 -7.49 4.58 -2.58
C GLN B 64 -8.08 3.92 -1.34
N SER B 65 -8.51 2.68 -1.49
CA SER B 65 -9.13 1.92 -0.40
C SER B 65 -8.32 1.91 0.89
N ASN B 66 -7.01 1.69 0.80
CA ASN B 66 -6.16 1.67 1.99
C ASN B 66 -5.99 3.03 2.66
N THR B 67 -6.07 4.10 1.88
CA THR B 67 -5.97 5.45 2.43
C THR B 67 -7.24 5.66 3.25
N ILE B 68 -8.36 5.18 2.73
CA ILE B 68 -9.64 5.28 3.41
C ILE B 68 -9.56 4.49 4.72
N LEU B 69 -9.02 3.28 4.67
CA LEU B 69 -8.87 2.44 5.86
C LEU B 69 -8.00 3.13 6.92
N ARG B 70 -6.86 3.68 6.48
CA ARG B 70 -5.95 4.37 7.39
C ARG B 70 -6.56 5.62 7.99
N HIS B 71 -7.35 6.32 7.18
CA HIS B 71 -8.02 7.54 7.63
C HIS B 71 -9.00 7.22 8.75
N LEU B 72 -9.83 6.19 8.52
CA LEU B 72 -10.82 5.76 9.50
C LEU B 72 -10.12 5.22 10.75
N GLY B 73 -9.02 4.48 10.55
CA GLY B 73 -8.28 3.93 11.68
C GLY B 73 -7.70 5.03 12.54
N ARG B 74 -7.29 6.12 11.89
CA ARG B 74 -6.70 7.25 12.59
C ARG B 74 -7.75 8.07 13.35
N THR B 75 -8.86 8.38 12.68
CA THR B 75 -9.91 9.18 13.29
C THR B 75 -10.77 8.44 14.30
N LEU B 76 -10.94 7.14 14.11
CA LEU B 76 -11.74 6.31 15.02
C LEU B 76 -10.94 5.59 16.11
N GLY B 77 -9.62 5.72 16.07
CA GLY B 77 -8.78 5.09 17.07
C GLY B 77 -8.55 3.59 16.89
N LEU B 78 -8.39 3.15 15.66
CA LEU B 78 -8.15 1.75 15.33
C LEU B 78 -6.77 1.63 14.67
N TYR B 79 -5.76 2.27 15.27
CA TYR B 79 -4.41 2.29 14.70
C TYR B 79 -3.32 1.97 15.73
N GLY B 80 -3.62 1.07 16.68
CA GLY B 80 -2.65 0.71 17.71
C GLY B 80 -2.65 1.70 18.87
N LYS B 81 -2.03 1.30 19.99
CA LYS B 81 -2.00 2.16 21.16
C LYS B 81 -0.82 3.14 21.12
N ASP B 82 0.17 2.85 20.28
CA ASP B 82 1.33 3.72 20.15
C ASP B 82 1.98 3.58 18.76
N GLN B 83 3.09 4.29 18.55
CA GLN B 83 3.79 4.25 17.26
C GLN B 83 4.30 2.88 16.88
N GLN B 84 4.80 2.13 17.86
CA GLN B 84 5.31 0.79 17.59
C GLN B 84 4.19 -0.08 17.03
N GLU B 85 3.03 -0.05 17.68
CA GLU B 85 1.88 -0.84 17.23
C GLU B 85 1.39 -0.33 15.88
N ALA B 86 1.43 0.99 15.69
CA ALA B 86 1.01 1.61 14.44
C ALA B 86 1.83 1.06 13.28
N ALA B 87 3.14 0.89 13.53
CA ALA B 87 4.04 0.35 12.52
C ALA B 87 3.70 -1.10 12.20
N LEU B 88 3.35 -1.86 13.24
CA LEU B 88 3.00 -3.28 13.07
C LEU B 88 1.67 -3.44 12.32
N VAL B 89 0.73 -2.55 12.59
CA VAL B 89 -0.57 -2.56 11.92
C VAL B 89 -0.38 -2.33 10.42
N ASP B 90 0.50 -1.39 10.08
CA ASP B 90 0.83 -1.07 8.68
C ASP B 90 1.47 -2.28 8.01
N MET B 91 2.39 -2.93 8.71
CA MET B 91 3.09 -4.10 8.19
C MET B 91 2.10 -5.22 7.88
N VAL B 92 1.10 -5.38 8.75
CA VAL B 92 0.07 -6.40 8.54
C VAL B 92 -0.78 -6.02 7.32
N ASN B 93 -1.23 -4.77 7.27
CA ASN B 93 -2.06 -4.29 6.16
C ASN B 93 -1.35 -4.38 4.82
N ASP B 94 -0.07 -4.02 4.78
CA ASP B 94 0.71 -4.09 3.54
C ASP B 94 0.81 -5.54 3.09
N GLY B 95 0.89 -6.45 4.07
CA GLY B 95 0.95 -7.87 3.77
C GLY B 95 -0.37 -8.30 3.17
N VAL B 96 -1.47 -7.85 3.76
CA VAL B 96 -2.81 -8.18 3.27
C VAL B 96 -2.97 -7.66 1.84
N GLU B 97 -2.54 -6.41 1.61
CA GLU B 97 -2.63 -5.77 0.31
C GLU B 97 -1.87 -6.56 -0.78
N ASP B 98 -0.69 -7.07 -0.44
CA ASP B 98 0.10 -7.84 -1.38
C ASP B 98 -0.64 -9.09 -1.82
N LEU B 99 -1.19 -9.83 -0.86
CA LEU B 99 -1.93 -11.04 -1.18
C LEU B 99 -3.23 -10.71 -1.92
N ARG B 100 -3.83 -9.57 -1.58
CA ARG B 100 -5.07 -9.14 -2.24
C ARG B 100 -4.82 -8.90 -3.73
N CYS B 101 -3.67 -8.30 -4.06
CA CYS B 101 -3.32 -8.04 -5.46
C CYS B 101 -3.18 -9.32 -6.24
N LYS B 102 -2.60 -10.34 -5.61
CA LYS B 102 -2.43 -11.64 -6.25
C LYS B 102 -3.80 -12.25 -6.49
N TYR B 103 -4.69 -12.10 -5.50
CA TYR B 103 -6.05 -12.63 -5.59
C TYR B 103 -6.78 -11.94 -6.74
N ILE B 104 -6.69 -10.62 -6.79
CA ILE B 104 -7.32 -9.82 -7.83
C ILE B 104 -6.79 -10.20 -9.20
N SER B 105 -5.48 -10.42 -9.28
CA SER B 105 -4.85 -10.80 -10.55
C SER B 105 -5.43 -12.13 -11.02
N LEU B 106 -5.62 -13.06 -10.10
CA LEU B 106 -6.18 -14.37 -10.44
C LEU B 106 -7.61 -14.24 -10.95
N ILE B 107 -8.46 -13.58 -10.17
CA ILE B 107 -9.86 -13.37 -10.51
C ILE B 107 -10.11 -12.71 -11.86
N TYR B 108 -9.41 -11.61 -12.12
CA TYR B 108 -9.58 -10.86 -13.35
C TYR B 108 -8.68 -11.22 -14.54
N THR B 109 -7.54 -11.85 -14.28
CA THR B 109 -6.61 -12.19 -15.36
C THR B 109 -6.65 -13.64 -15.86
N ASN B 110 -6.62 -14.62 -14.96
CA ASN B 110 -6.65 -16.01 -15.39
C ASN B 110 -7.19 -16.97 -14.33
N TYR B 111 -8.48 -16.84 -14.03
CA TYR B 111 -9.13 -17.66 -13.03
C TYR B 111 -9.09 -19.15 -13.38
N GLU B 112 -9.61 -19.49 -14.56
CA GLU B 112 -9.67 -20.87 -15.03
C GLU B 112 -8.33 -21.57 -15.02
N ALA B 113 -7.35 -20.95 -15.70
CA ALA B 113 -6.01 -21.50 -15.80
C ALA B 113 -5.21 -21.52 -14.49
N GLY B 114 -5.12 -20.38 -13.83
CA GLY B 114 -4.34 -20.29 -12.61
C GLY B 114 -4.91 -20.68 -11.26
N LYS B 115 -6.19 -21.04 -11.20
CA LYS B 115 -6.82 -21.41 -9.92
C LYS B 115 -6.12 -22.51 -9.12
N ASP B 116 -5.64 -23.55 -9.81
CA ASP B 116 -4.97 -24.66 -9.14
C ASP B 116 -3.63 -24.32 -8.52
N ASP B 117 -2.76 -23.65 -9.28
CA ASP B 117 -1.45 -23.25 -8.77
C ASP B 117 -1.58 -22.29 -7.59
N TYR B 118 -2.52 -21.36 -7.70
CA TYR B 118 -2.78 -20.37 -6.66
C TYR B 118 -3.17 -21.03 -5.34
N VAL B 119 -4.07 -22.00 -5.40
CA VAL B 119 -4.53 -22.71 -4.20
C VAL B 119 -3.39 -23.53 -3.57
N LYS B 120 -2.50 -24.07 -4.40
CA LYS B 120 -1.36 -24.85 -3.93
C LYS B 120 -0.38 -23.96 -3.15
N ALA B 121 -0.20 -22.74 -3.65
CA ALA B 121 0.71 -21.78 -3.03
C ALA B 121 0.10 -21.03 -1.83
N LEU B 122 -1.21 -21.14 -1.67
CA LEU B 122 -1.92 -20.47 -0.59
C LEU B 122 -1.34 -20.64 0.83
N PRO B 123 -1.05 -21.89 1.25
CA PRO B 123 -0.50 -22.13 2.59
C PRO B 123 0.71 -21.26 2.91
N GLY B 124 1.60 -21.11 1.94
CA GLY B 124 2.80 -20.31 2.14
C GLY B 124 2.44 -18.85 2.30
N GLN B 125 1.39 -18.41 1.62
CA GLN B 125 0.91 -17.04 1.69
C GLN B 125 0.20 -16.73 3.00
N LEU B 126 -0.47 -17.73 3.57
CA LEU B 126 -1.20 -17.55 4.83
C LEU B 126 -0.36 -17.70 6.10
N LYS B 127 0.72 -18.49 6.02
CA LYS B 127 1.59 -18.69 7.19
C LYS B 127 2.02 -17.44 7.94
N PRO B 128 2.44 -16.37 7.21
CA PRO B 128 2.87 -15.15 7.90
C PRO B 128 1.86 -14.60 8.91
N PHE B 129 0.57 -14.69 8.58
CA PHE B 129 -0.48 -14.19 9.48
C PHE B 129 -0.71 -15.10 10.69
N GLU B 130 -0.52 -16.40 10.49
CA GLU B 130 -0.65 -17.38 11.57
C GLU B 130 0.49 -17.10 12.56
N THR B 131 1.66 -16.77 12.02
CA THR B 131 2.85 -16.45 12.79
C THR B 131 2.65 -15.20 13.62
N LEU B 132 2.14 -14.14 12.97
CA LEU B 132 1.89 -12.87 13.65
C LEU B 132 0.95 -13.10 14.83
N LEU B 133 -0.09 -13.91 14.59
CA LEU B 133 -1.07 -14.24 15.61
C LEU B 133 -0.43 -15.00 16.76
N SER B 134 0.41 -15.99 16.44
CA SER B 134 1.08 -16.78 17.48
C SER B 134 2.01 -15.96 18.37
N GLN B 135 2.52 -14.85 17.86
CA GLN B 135 3.41 -13.99 18.64
C GLN B 135 2.70 -12.93 19.45
N ASN B 136 1.38 -12.84 19.29
CA ASN B 136 0.58 -11.85 20.02
C ASN B 136 -0.39 -12.56 20.96
N GLN B 137 0.01 -12.69 22.23
CA GLN B 137 -0.82 -13.34 23.25
C GLN B 137 -1.40 -14.69 22.80
N GLY B 138 -0.58 -15.47 22.08
CA GLY B 138 -1.02 -16.77 21.60
C GLY B 138 -2.21 -16.78 20.66
N GLY B 139 -2.43 -15.67 19.96
CA GLY B 139 -3.54 -15.58 19.02
C GLY B 139 -4.91 -15.52 19.69
N LYS B 140 -4.94 -15.10 20.95
CA LYS B 140 -6.19 -15.02 21.71
C LYS B 140 -6.98 -13.74 21.46
N THR B 141 -6.31 -12.68 21.00
CA THR B 141 -6.96 -11.39 20.75
C THR B 141 -7.01 -10.97 19.27
N PHE B 142 -6.33 -9.88 18.93
CA PHE B 142 -6.33 -9.35 17.58
C PHE B 142 -4.98 -9.54 16.88
N ILE B 143 -4.88 -9.14 15.62
CA ILE B 143 -3.66 -9.33 14.86
C ILE B 143 -2.47 -8.54 15.44
N VAL B 144 -2.74 -7.38 16.01
CA VAL B 144 -1.71 -6.54 16.63
C VAL B 144 -2.27 -5.92 17.91
N GLY B 145 -1.58 -6.15 19.02
CA GLY B 145 -2.03 -5.60 20.29
C GLY B 145 -3.26 -6.28 20.88
N ASP B 146 -3.92 -5.59 21.81
CA ASP B 146 -5.11 -6.13 22.46
C ASP B 146 -6.39 -5.36 22.14
N GLN B 147 -6.34 -4.55 21.09
CA GLN B 147 -7.49 -3.77 20.64
C GLN B 147 -7.56 -3.92 19.12
N ILE B 148 -8.77 -3.96 18.58
CA ILE B 148 -8.97 -4.12 17.14
C ILE B 148 -8.44 -2.93 16.33
N SER B 149 -7.91 -3.21 15.14
CA SER B 149 -7.38 -2.16 14.29
C SER B 149 -7.98 -2.32 12.89
N PHE B 150 -7.72 -1.35 12.01
CA PHE B 150 -8.25 -1.43 10.64
C PHE B 150 -7.67 -2.62 9.89
N ALA B 151 -6.48 -3.06 10.28
CA ALA B 151 -5.82 -4.20 9.65
C ALA B 151 -6.62 -5.48 9.91
N ASP B 152 -7.27 -5.54 11.06
CA ASP B 152 -8.08 -6.70 11.43
C ASP B 152 -9.23 -6.89 10.44
N TYR B 153 -9.95 -5.81 10.15
CA TYR B 153 -11.08 -5.86 9.21
C TYR B 153 -10.61 -6.26 7.82
N ASN B 154 -9.48 -5.73 7.39
CA ASN B 154 -8.94 -6.02 6.08
C ASN B 154 -8.46 -7.48 5.99
N LEU B 155 -7.82 -7.96 7.05
CA LEU B 155 -7.32 -9.33 7.08
C LEU B 155 -8.52 -10.28 7.09
N LEU B 156 -9.53 -9.95 7.91
CA LEU B 156 -10.75 -10.76 8.00
C LEU B 156 -11.38 -10.91 6.64
N ASP B 157 -11.53 -9.81 5.92
CA ASP B 157 -12.11 -9.85 4.58
C ASP B 157 -11.29 -10.76 3.68
N LEU B 158 -9.97 -10.58 3.71
CA LEU B 158 -9.07 -11.40 2.89
C LEU B 158 -9.28 -12.89 3.19
N LEU B 159 -9.38 -13.24 4.47
CA LEU B 159 -9.58 -14.63 4.87
C LEU B 159 -10.92 -15.19 4.39
N LEU B 160 -11.99 -14.41 4.58
CA LEU B 160 -13.33 -14.81 4.17
C LEU B 160 -13.45 -15.08 2.67
N ILE B 161 -12.88 -14.21 1.84
CA ILE B 161 -12.97 -14.42 0.38
C ILE B 161 -12.15 -15.61 -0.07
N HIS B 162 -11.14 -15.99 0.73
CA HIS B 162 -10.32 -17.14 0.39
C HIS B 162 -11.02 -18.43 0.79
N GLU B 163 -11.87 -18.35 1.81
CA GLU B 163 -12.66 -19.49 2.26
C GLU B 163 -13.60 -19.84 1.12
N VAL B 164 -14.08 -18.80 0.43
CA VAL B 164 -14.99 -18.98 -0.70
C VAL B 164 -14.22 -19.53 -1.90
N LEU B 165 -13.01 -19.04 -2.11
CA LEU B 165 -12.19 -19.48 -3.24
C LEU B 165 -11.70 -20.92 -3.07
N ALA B 166 -11.10 -21.19 -1.91
CA ALA B 166 -10.58 -22.52 -1.59
C ALA B 166 -11.14 -22.95 -0.24
N PRO B 167 -12.35 -23.54 -0.25
CA PRO B 167 -13.02 -24.00 0.96
C PRO B 167 -12.13 -24.91 1.81
N GLY B 168 -12.01 -24.57 3.09
CA GLY B 168 -11.18 -25.35 3.99
C GLY B 168 -9.70 -24.99 3.99
N CYS B 169 -9.32 -23.95 3.25
CA CYS B 169 -7.91 -23.53 3.20
C CYS B 169 -7.38 -23.13 4.58
N LEU B 170 -8.28 -22.76 5.49
CA LEU B 170 -7.89 -22.36 6.85
C LEU B 170 -7.82 -23.51 7.86
N ASP B 171 -8.14 -24.73 7.41
CA ASP B 171 -8.10 -25.91 8.29
C ASP B 171 -6.73 -26.14 8.90
N ALA B 172 -5.69 -25.94 8.10
CA ALA B 172 -4.31 -26.12 8.54
C ALA B 172 -3.80 -25.01 9.47
N PHE B 173 -4.61 -23.98 9.68
CA PHE B 173 -4.20 -22.86 10.52
C PHE B 173 -5.17 -22.62 11.67
N PRO B 174 -4.96 -23.31 12.80
CA PRO B 174 -5.80 -23.21 14.01
C PRO B 174 -6.03 -21.80 14.55
N LEU B 175 -5.00 -20.97 14.55
CA LEU B 175 -5.12 -19.60 15.06
C LEU B 175 -5.95 -18.70 14.14
N LEU B 176 -5.72 -18.81 12.83
CA LEU B 176 -6.46 -18.02 11.86
C LEU B 176 -7.94 -18.41 11.90
N SER B 177 -8.22 -19.71 12.00
CA SER B 177 -9.59 -20.22 12.06
C SER B 177 -10.33 -19.68 13.29
N ALA B 178 -9.68 -19.73 14.44
CA ALA B 178 -10.29 -19.25 15.67
C ALA B 178 -10.48 -17.74 15.57
N TYR B 179 -9.49 -17.07 14.97
CA TYR B 179 -9.50 -15.62 14.76
C TYR B 179 -10.73 -15.21 13.95
N VAL B 180 -10.95 -15.91 12.83
CA VAL B 180 -12.09 -15.66 11.95
C VAL B 180 -13.41 -15.87 12.69
N GLY B 181 -13.53 -16.99 13.41
CA GLY B 181 -14.75 -17.27 14.15
C GLY B 181 -15.02 -16.24 15.23
N ARG B 182 -13.96 -15.84 15.92
CA ARG B 182 -14.05 -14.87 17.01
C ARG B 182 -14.50 -13.49 16.51
N LEU B 183 -13.87 -12.99 15.45
CA LEU B 183 -14.22 -11.68 14.91
C LEU B 183 -15.62 -11.69 14.27
N SER B 184 -15.95 -12.77 13.57
CA SER B 184 -17.26 -12.93 12.93
C SER B 184 -18.39 -12.96 13.96
N ALA B 185 -18.04 -13.19 15.22
CA ALA B 185 -19.01 -13.27 16.30
C ALA B 185 -19.33 -11.94 16.96
N ARG B 186 -18.55 -10.90 16.65
CA ARG B 186 -18.79 -9.57 17.23
C ARG B 186 -20.21 -9.15 16.82
N PRO B 187 -21.03 -8.75 17.80
CA PRO B 187 -22.43 -8.31 17.64
C PRO B 187 -22.79 -7.55 16.36
N LYS B 188 -22.28 -6.32 16.23
CA LYS B 188 -22.56 -5.49 15.05
C LYS B 188 -22.05 -6.06 13.75
N LEU B 189 -20.88 -6.71 13.79
CA LEU B 189 -20.27 -7.30 12.59
C LEU B 189 -21.07 -8.51 12.12
N LYS B 190 -21.52 -9.32 13.07
CA LYS B 190 -22.30 -10.52 12.77
C LYS B 190 -23.60 -10.15 12.07
N ALA B 191 -24.26 -9.11 12.60
CA ALA B 191 -25.52 -8.61 12.05
C ALA B 191 -25.30 -8.12 10.62
N PHE B 192 -24.22 -7.35 10.42
CA PHE B 192 -23.88 -6.81 9.11
C PHE B 192 -23.55 -7.90 8.09
N LEU B 193 -22.76 -8.89 8.49
CA LEU B 193 -22.38 -9.97 7.59
C LEU B 193 -23.56 -10.83 7.14
N ALA B 194 -24.64 -10.81 7.93
CA ALA B 194 -25.82 -11.59 7.62
C ALA B 194 -26.87 -10.81 6.82
N SER B 195 -26.73 -9.49 6.77
CA SER B 195 -27.68 -8.61 6.06
C SER B 195 -27.64 -8.72 4.54
N PRO B 196 -28.75 -8.35 3.87
CA PRO B 196 -28.87 -8.39 2.40
C PRO B 196 -27.86 -7.44 1.76
N GLU B 197 -27.60 -6.34 2.49
CA GLU B 197 -26.67 -5.29 2.09
C GLU B 197 -25.30 -5.87 1.73
N TYR B 198 -24.88 -6.87 2.52
CA TYR B 198 -23.60 -7.54 2.33
C TYR B 198 -23.76 -8.81 1.50
N VAL B 199 -24.62 -9.71 1.98
CA VAL B 199 -24.87 -10.99 1.34
C VAL B 199 -25.28 -10.98 -0.14
N ASN B 200 -26.14 -10.04 -0.52
CA ASN B 200 -26.63 -9.97 -1.90
C ASN B 200 -25.75 -9.25 -2.91
N LEU B 201 -24.55 -8.88 -2.49
CA LEU B 201 -23.59 -8.21 -3.36
C LEU B 201 -22.55 -9.24 -3.77
N PRO B 202 -22.21 -9.29 -5.08
CA PRO B 202 -21.21 -10.26 -5.53
C PRO B 202 -19.84 -9.82 -5.00
N ILE B 203 -18.94 -10.78 -4.78
CA ILE B 203 -17.60 -10.44 -4.25
C ILE B 203 -16.82 -9.60 -5.25
N ASN B 204 -16.77 -10.07 -6.50
CA ASN B 204 -16.04 -9.39 -7.55
C ASN B 204 -16.93 -8.93 -8.71
N GLY B 205 -16.41 -8.01 -9.51
CA GLY B 205 -17.14 -7.47 -10.64
C GLY B 205 -17.35 -8.37 -11.84
N ASN B 206 -16.69 -9.52 -11.88
CA ASN B 206 -16.84 -10.43 -13.02
C ASN B 206 -17.59 -11.72 -12.69
N GLY B 207 -18.23 -11.75 -11.54
CA GLY B 207 -19.00 -12.92 -11.14
C GLY B 207 -18.18 -14.13 -10.73
N LYS B 208 -16.87 -13.99 -10.67
CA LYS B 208 -16.01 -15.10 -10.26
C LYS B 208 -15.66 -14.94 -8.78
N GLN B 209 -15.44 -16.06 -8.11
CA GLN B 209 -15.12 -16.06 -6.67
C GLN B 209 -14.57 -17.42 -6.23
N VWW C . 5.68 -5.29 -0.63
CA VWW C . 7.12 -5.47 -0.35
C VWW C . 7.78 -4.14 0.04
O VWW C . 8.79 -4.16 0.79
CB VWW C . 7.84 -6.07 -1.56
CG VWW C . 9.25 -6.52 -1.25
CD VWW C . 9.97 -7.10 -2.44
OE1 VWW C . 9.47 -7.09 -3.56
OXT VWW C . 7.25 -3.08 -0.37
N1 VWW C . 11.15 -7.66 -2.17
CA1 VWW C . 11.99 -8.26 -3.20
CB1 VWW C . 13.21 -7.36 -3.47
SG VWW C . 12.86 -5.78 -4.21
CD1 VWW C . 13.17 -6.15 -5.94
CE VWW C . 14.48 -6.85 -6.18
CZ1 VWW C . 14.52 -8.09 -6.80
CZ2 VWW C . 15.69 -6.25 -5.81
CT1 VWW C . 15.72 -8.75 -7.03
CT2 VWW C . 16.90 -6.90 -6.02
CH VWW C . 16.92 -8.14 -6.63
C1 VWW C . 12.52 -9.61 -2.75
O1 VWW C . 12.73 -9.84 -1.57
N2 VWW C . 12.77 -10.47 -3.73
CA2 VWW C . 13.32 -11.79 -3.49
CB2 VWW C . 14.27 -12.21 -4.57
CG1 VWW C . 13.81 -12.89 -5.69
CD11 VWW C . 14.68 -13.21 -6.73
CE1 VWW C . 16.02 -12.86 -6.64
CD2 VWW C . 16.48 -12.18 -5.52
CG2 VWW C . 15.61 -11.86 -4.49
C2 VWW C . 12.28 -12.83 -3.10
O2 VWW C . 12.69 -13.87 -2.54
OXT1 VWW C . 11.07 -12.62 -3.33
O1 MES D . 25.97 3.67 4.50
C2 MES D . 27.31 4.10 4.83
C3 MES D . 27.37 5.65 4.94
N4 MES D . 25.94 6.26 4.83
C5 MES D . 24.90 5.54 5.72
C6 MES D . 24.94 4.00 5.47
C7 MES D . 25.94 7.79 5.03
C8 MES D . 24.72 8.49 4.41
S MES D . 24.88 10.28 4.45
O1S MES D . 23.46 10.96 4.65
O2S MES D . 25.56 10.80 3.13
O3S MES D . 25.83 10.75 5.75
N VWW E . -5.37 1.13 -5.58
CA VWW E . -6.82 1.40 -5.75
C VWW E . -7.56 1.22 -4.42
O VWW E . -8.62 1.86 -4.24
CB VWW E . -7.42 0.46 -6.81
CG VWW E . -8.83 0.85 -7.21
CD VWW E . -9.43 -0.07 -8.26
OE1 VWW E . -8.84 -1.09 -8.62
OXT VWW E . -7.07 0.45 -3.56
N1 VWW E . -10.59 0.34 -8.76
CA1 VWW E . -11.32 -0.43 -9.76
CB1 VWW E . -12.55 -1.08 -9.12
SG VWW E . -12.22 -2.35 -7.91
CD1 VWW E . -12.39 -3.83 -8.92
CE VWW E . -13.65 -3.85 -9.76
CZ1 VWW E . -13.58 -3.95 -11.14
CZ2 VWW E . -14.90 -3.78 -9.16
CT1 VWW E . -14.73 -3.97 -11.91
CT2 VWW E . -16.06 -3.81 -9.92
CH VWW E . -15.98 -3.90 -11.31
C1 VWW E . -11.81 0.47 -10.87
O1 VWW E . -12.10 1.65 -10.65
N2 VWW E . -11.95 -0.12 -12.05
CA2 VWW E . -12.45 0.57 -13.22
CB2 VWW E . -13.30 -0.30 -14.08
CG1 VWW E . -12.73 -1.06 -15.10
CD11 VWW E . -13.50 -1.94 -15.85
CE1 VWW E . -14.85 -2.07 -15.58
CD2 VWW E . -15.43 -1.32 -14.57
CG2 VWW E . -14.66 -0.44 -13.83
C2 VWW E . -11.39 1.40 -13.96
O2 VWW E . -11.80 2.28 -14.74
OXT1 VWW E . -10.18 1.16 -13.76
O1 MES F . -26.39 1.42 3.14
C2 MES F . -27.78 1.49 3.57
C3 MES F . -27.91 1.00 5.04
N4 MES F . -26.51 0.74 5.66
C5 MES F . -25.51 1.89 5.40
C6 MES F . -25.45 2.24 3.89
C7 MES F . -26.60 0.35 7.15
C8 MES F . -25.37 -0.43 7.65
S MES F . -25.61 -1.08 9.31
O1S MES F . -24.25 -1.09 10.12
O2S MES F . -26.23 -2.53 9.26
O3S MES F . -26.69 -0.11 10.16
#